data_7O2C
#
_entry.id   7O2C
#
_cell.length_a   61.497
_cell.length_b   66.166
_cell.length_c   107.165
_cell.angle_alpha   90.000
_cell.angle_beta   90.000
_cell.angle_gamma   90.000
#
_symmetry.space_group_name_H-M   'P 21 21 21'
#
loop_
_entity.id
_entity.type
_entity.pdbx_description
1 polymer 'Histone-lysine N-methyltransferase SMYD3'
2 non-polymer (2S)-1-[[(1R,5S)-3-azabicyclo[3.1.0]hexan-3-yl]carbonyl]-N-(2-cyclopropylethyl)-2-methyl-4-oxidanylidene-3,5-dihydro-2H-1,5-benzodiazepine-7-carboxamide
3 non-polymer S-ADENOSYLMETHIONINE
4 non-polymer 'ZINC ION'
5 water water
#
_entity_poly.entity_id   1
_entity_poly.type   'polypeptide(L)'
_entity_poly.pdbx_seq_one_letter_code
;MEPLKVEKFATANRGNGLRAVTPLRPGELLFRSDPLAYTVCKGSRGVVCDRCLLGKEKLMRCSQCRVAKYCSAKCQKKAW
PDHKRECKCLKSCKPRYPPDSVRLLGRVVFKLMDGAPSESEKLYSFYDLESNINKLTEDRKEGLRQLVMTFQHFMREEIQ
DASQLPPAFDLFEAFAKVICNSFTICNAEMQEVGVGLYPSISLLNHSCDPNCSIVFNGPHLLLRAVRDIEVGEELTICYL
DMLMTSEERRKQLRDQYCFECDCFRCQTQDKDADMLTGDEQVWKEVQESLKKIEELKAHWKWEQVLAMCQAIISSNSERL
PDINIYQLKVLDCAMDACINLGLLEEALFYGTRTMEPYRIFFPGSHPVRGVQVMKVGKLQLHQGMFPQAMKNLRLAFDIM
RVTHGREHSLIEDLILLLEECDANIRAS
;
_entity_poly.pdbx_strand_id   A
#
# COMPACT_ATOMS: atom_id res chain seq x y z
N GLU A 2 0.86 -19.86 -19.03
CA GLU A 2 -0.15 -19.81 -20.13
C GLU A 2 0.37 -18.90 -21.26
N PRO A 3 -0.50 -18.55 -22.23
CA PRO A 3 -0.55 -17.17 -22.71
C PRO A 3 -1.02 -16.35 -21.50
N LEU A 4 -1.30 -15.08 -21.69
CA LEU A 4 -1.70 -14.30 -20.50
C LEU A 4 -3.15 -14.63 -20.13
N LYS A 5 -3.47 -14.45 -18.85
CA LYS A 5 -4.84 -14.65 -18.35
C LYS A 5 -5.61 -13.34 -18.41
N VAL A 6 -4.95 -12.24 -18.79
CA VAL A 6 -5.55 -10.90 -18.68
C VAL A 6 -5.28 -10.19 -20.00
N GLU A 7 -6.14 -9.24 -20.36
CA GLU A 7 -5.86 -8.43 -21.56
C GLU A 7 -6.38 -7.02 -21.32
N LYS A 8 -5.68 -6.08 -21.95
CA LYS A 8 -6.16 -4.70 -22.08
C LYS A 8 -7.40 -4.65 -22.95
N PHE A 9 -8.36 -3.80 -22.57
CA PHE A 9 -9.48 -3.43 -23.48
C PHE A 9 -9.95 -2.02 -23.18
N ALA A 10 -10.75 -1.48 -24.08
CA ALA A 10 -11.43 -0.19 -23.88
C ALA A 10 -12.82 -0.48 -23.27
N THR A 11 -13.03 -0.01 -22.05
CA THR A 11 -14.30 -0.08 -21.36
C THR A 11 -15.24 0.96 -21.98
N ALA A 12 -16.48 0.88 -21.61
CA ALA A 12 -17.55 1.74 -22.14
C ALA A 12 -17.47 3.10 -21.45
N ASN A 13 -17.06 3.18 -20.18
CA ASN A 13 -17.11 4.50 -19.49
C ASN A 13 -16.04 4.70 -18.43
N ARG A 14 -14.98 3.88 -18.44
CA ARG A 14 -13.90 4.16 -17.50
C ARG A 14 -12.57 3.98 -18.17
N GLY A 15 -12.47 4.37 -19.43
CA GLY A 15 -11.20 4.32 -20.10
C GLY A 15 -10.78 2.92 -20.37
N ASN A 16 -9.48 2.74 -20.39
CA ASN A 16 -8.90 1.40 -20.60
C ASN A 16 -9.06 0.60 -19.30
N GLY A 17 -9.13 -0.73 -19.45
CA GLY A 17 -9.11 -1.61 -18.26
C GLY A 17 -8.50 -2.93 -18.63
N LEU A 18 -8.58 -3.87 -17.70
CA LEU A 18 -8.12 -5.26 -17.88
C LEU A 18 -9.32 -6.20 -17.71
N ARG A 19 -9.41 -7.21 -18.58
CA ARG A 19 -10.47 -8.22 -18.50
C ARG A 19 -9.84 -9.63 -18.59
N ALA A 20 -10.55 -10.59 -18.02
CA ALA A 20 -10.15 -12.02 -18.03
C ALA A 20 -10.21 -12.59 -19.46
N VAL A 21 -9.16 -13.29 -19.85
CA VAL A 21 -9.04 -14.03 -21.12
C VAL A 21 -9.70 -15.40 -20.95
N THR A 22 -9.53 -15.96 -19.77
CA THR A 22 -10.02 -17.32 -19.40
C THR A 22 -10.81 -17.17 -18.11
N PRO A 23 -11.66 -18.14 -17.73
CA PRO A 23 -12.29 -18.10 -16.44
C PRO A 23 -11.20 -18.15 -15.39
N LEU A 24 -11.38 -17.40 -14.31
CA LEU A 24 -10.38 -17.30 -13.24
C LEU A 24 -11.03 -17.74 -11.93
N ARG A 25 -10.24 -18.39 -11.09
CA ARG A 25 -10.68 -18.90 -9.77
C ARG A 25 -10.01 -18.10 -8.67
N PRO A 26 -10.62 -18.01 -7.49
CA PRO A 26 -9.95 -17.33 -6.39
C PRO A 26 -8.56 -17.88 -6.13
N GLY A 27 -7.63 -16.98 -5.90
CA GLY A 27 -6.24 -17.30 -5.60
C GLY A 27 -5.34 -17.44 -6.83
N GLU A 28 -5.90 -17.43 -8.03
CA GLU A 28 -5.14 -17.59 -9.28
C GLU A 28 -4.26 -16.34 -9.46
N LEU A 29 -2.98 -16.57 -9.73
CA LEU A 29 -2.01 -15.50 -10.03
C LEU A 29 -2.29 -15.01 -11.44
N LEU A 30 -2.57 -13.71 -11.58
CA LEU A 30 -3.02 -13.17 -12.88
C LEU A 30 -1.90 -12.44 -13.55
N PHE A 31 -1.08 -11.76 -12.79
CA PHE A 31 0.04 -10.98 -13.34
C PHE A 31 0.98 -10.68 -12.20
N ARG A 32 2.23 -10.47 -12.54
CA ARG A 32 3.20 -10.00 -11.54
C ARG A 32 4.12 -9.01 -12.22
N SER A 33 4.67 -8.12 -11.43
CA SER A 33 5.50 -7.02 -11.98
C SER A 33 6.48 -6.50 -10.94
N ASP A 34 7.67 -6.17 -11.37
CA ASP A 34 8.55 -5.21 -10.67
C ASP A 34 8.14 -3.81 -11.12
N PRO A 35 8.55 -2.77 -10.38
CA PRO A 35 8.14 -1.42 -10.74
C PRO A 35 8.92 -0.87 -11.94
N LEU A 36 8.26 0.01 -12.71
CA LEU A 36 9.08 0.87 -13.62
C LEU A 36 10.07 1.67 -12.78
N ALA A 37 9.53 2.27 -11.72
CA ALA A 37 10.25 3.14 -10.79
C ALA A 37 9.58 3.07 -9.42
N TYR A 38 10.41 3.12 -8.37
CA TYR A 38 9.83 3.20 -7.03
C TYR A 38 10.80 3.92 -6.08
N THR A 39 10.25 4.34 -4.95
CA THR A 39 11.08 4.92 -3.89
C THR A 39 10.49 4.59 -2.52
N VAL A 40 11.35 4.67 -1.53
CA VAL A 40 10.92 4.60 -0.13
C VAL A 40 10.08 5.83 0.17
N CYS A 41 9.05 5.71 1.03
CA CYS A 41 8.18 6.83 1.36
C CYS A 41 8.92 7.69 2.41
N LYS A 42 8.44 8.92 2.56
CA LYS A 42 9.08 9.96 3.42
C LYS A 42 9.33 9.39 4.83
N GLY A 43 8.34 8.77 5.46
CA GLY A 43 8.45 8.31 6.87
C GLY A 43 9.36 7.09 7.06
N SER A 44 9.51 6.25 6.05
CA SER A 44 10.34 5.01 6.11
C SER A 44 11.79 5.24 5.65
N ARG A 45 12.08 6.45 5.13
CA ARG A 45 13.44 6.82 4.71
C ARG A 45 14.42 6.59 5.88
N GLY A 46 15.49 5.87 5.61
CA GLY A 46 16.48 5.44 6.63
C GLY A 46 15.93 4.50 7.71
N VAL A 47 14.71 4.00 7.60
CA VAL A 47 14.21 2.90 8.47
C VAL A 47 14.20 1.62 7.66
N VAL A 48 13.86 1.68 6.37
CA VAL A 48 13.88 0.47 5.49
C VAL A 48 14.89 0.69 4.37
N CYS A 49 15.39 -0.43 3.85
CA CYS A 49 16.37 -0.48 2.77
C CYS A 49 15.76 0.19 1.52
N ASP A 50 16.45 1.16 0.93
CA ASP A 50 15.95 1.82 -0.30
C ASP A 50 15.64 0.79 -1.38
N ARG A 51 16.42 -0.27 -1.52
CA ARG A 51 16.25 -1.29 -2.59
CA ARG A 51 16.25 -1.29 -2.59
C ARG A 51 15.17 -2.29 -2.17
N CYS A 52 15.43 -3.12 -1.16
CA CYS A 52 14.50 -4.27 -0.93
C CYS A 52 13.31 -3.88 -0.04
N LEU A 53 13.27 -2.68 0.57
CA LEU A 53 12.15 -2.17 1.40
C LEU A 53 11.96 -3.01 2.65
N LEU A 54 13.05 -3.66 3.13
CA LEU A 54 12.98 -4.49 4.36
C LEU A 54 13.63 -3.68 5.48
N GLY A 55 13.18 -3.87 6.72
CA GLY A 55 13.70 -3.04 7.82
C GLY A 55 14.92 -3.65 8.48
N LYS A 56 15.58 -2.88 9.32
CA LYS A 56 16.78 -3.37 10.03
C LYS A 56 17.32 -2.29 10.97
N GLU A 57 17.85 -2.72 12.13
CA GLU A 57 18.37 -1.80 13.18
C GLU A 57 19.52 -0.99 12.57
N LYS A 58 20.42 -1.64 11.82
CA LYS A 58 21.59 -0.98 11.14
C LYS A 58 21.34 -0.91 9.63
N LEU A 59 21.16 0.30 9.07
CA LEU A 59 21.29 0.57 7.61
C LEU A 59 22.56 1.38 7.33
N MET A 60 23.15 1.12 6.18
CA MET A 60 24.37 1.78 5.70
C MET A 60 23.93 2.82 4.65
N ARG A 61 24.38 4.05 4.79
CA ARG A 61 24.03 5.08 3.80
C ARG A 61 25.00 5.09 2.62
N CYS A 62 24.52 5.68 1.54
CA CYS A 62 25.35 6.02 0.34
C CYS A 62 26.28 7.11 0.80
N SER A 63 27.56 6.92 0.56
CA SER A 63 28.55 7.88 1.03
C SER A 63 28.44 9.23 0.29
N GLN A 64 28.11 9.21 -1.01
CA GLN A 64 28.05 10.42 -1.89
C GLN A 64 26.90 11.29 -1.41
N CYS A 65 25.68 10.75 -1.25
CA CYS A 65 24.51 11.64 -0.98
C CYS A 65 24.10 11.57 0.49
N ARG A 66 24.47 10.50 1.18
CA ARG A 66 23.95 10.13 2.52
C ARG A 66 22.44 10.23 2.63
N VAL A 67 21.67 10.06 1.54
CA VAL A 67 20.20 10.02 1.70
C VAL A 67 19.71 8.57 1.56
N ALA A 68 20.18 7.90 0.50
CA ALA A 68 19.84 6.50 0.22
C ALA A 68 20.46 5.64 1.32
N LYS A 69 19.72 4.65 1.85
CA LYS A 69 20.27 3.72 2.89
C LYS A 69 19.87 2.30 2.53
N TYR A 70 20.73 1.37 2.87
CA TYR A 70 20.61 -0.01 2.34
C TYR A 70 20.85 -0.98 3.49
N CYS A 71 20.29 -2.18 3.29
CA CYS A 71 20.34 -3.24 4.31
C CYS A 71 21.68 -3.98 4.23
N SER A 72 22.36 -3.93 3.11
CA SER A 72 23.47 -4.85 2.79
C SER A 72 24.33 -4.23 1.68
N ALA A 73 25.54 -4.69 1.56
CA ALA A 73 26.37 -4.30 0.41
C ALA A 73 25.65 -4.69 -0.90
N LYS A 74 25.08 -5.89 -0.97
CA LYS A 74 24.37 -6.41 -2.17
C LYS A 74 23.34 -5.34 -2.56
N CYS A 75 22.49 -4.89 -1.63
CA CYS A 75 21.41 -3.94 -1.98
C CYS A 75 22.03 -2.62 -2.43
N GLN A 76 23.06 -2.12 -1.75
CA GLN A 76 23.62 -0.78 -2.10
C GLN A 76 24.22 -0.86 -3.50
N LYS A 77 24.93 -1.95 -3.79
CA LYS A 77 25.59 -2.15 -5.10
C LYS A 77 24.50 -2.35 -6.18
N LYS A 78 23.50 -3.17 -5.92
CA LYS A 78 22.47 -3.50 -6.95
C LYS A 78 21.63 -2.28 -7.25
N ALA A 79 21.45 -1.41 -6.27
CA ALA A 79 20.69 -0.15 -6.45
C ALA A 79 21.47 0.89 -7.25
N TRP A 80 22.77 0.77 -7.40
CA TRP A 80 23.61 1.91 -7.88
C TRP A 80 23.11 2.39 -9.25
N PRO A 81 22.90 1.50 -10.25
CA PRO A 81 22.53 1.97 -11.60
C PRO A 81 21.32 2.89 -11.50
N ASP A 82 20.28 2.52 -10.75
CA ASP A 82 19.02 3.31 -10.71
C ASP A 82 19.14 4.44 -9.66
N HIS A 83 20.24 4.52 -8.93
CA HIS A 83 20.48 5.62 -7.96
C HIS A 83 21.50 6.66 -8.48
N LYS A 84 22.36 6.30 -9.45
CA LYS A 84 23.56 7.07 -9.87
C LYS A 84 23.20 8.52 -10.14
N ARG A 85 22.20 8.77 -11.00
CA ARG A 85 21.84 10.15 -11.43
C ARG A 85 21.11 10.88 -10.31
N GLU A 86 20.20 10.24 -9.58
CA GLU A 86 19.48 10.93 -8.50
C GLU A 86 20.47 11.29 -7.40
N CYS A 87 21.52 10.50 -7.26
CA CYS A 87 22.50 10.71 -6.17
C CYS A 87 23.04 12.16 -6.25
N LYS A 88 23.46 12.55 -7.47
CA LYS A 88 24.06 13.88 -7.76
C LYS A 88 23.04 14.94 -7.37
N CYS A 89 21.75 14.67 -7.58
CA CYS A 89 20.66 15.65 -7.31
C CYS A 89 20.38 15.75 -5.80
N LEU A 90 20.26 14.62 -5.11
CA LEU A 90 19.96 14.58 -3.66
C LEU A 90 21.09 15.28 -2.88
N LYS A 91 22.34 15.13 -3.35
CA LYS A 91 23.55 15.74 -2.73
C LYS A 91 23.43 17.24 -2.97
N SER A 92 23.24 17.62 -4.25
CA SER A 92 23.27 19.01 -4.76
C SER A 92 22.29 19.87 -3.95
N CYS A 93 21.17 19.27 -3.54
CA CYS A 93 19.97 19.93 -2.98
C CYS A 93 19.87 19.73 -1.46
N LYS A 94 20.81 19.01 -0.81
CA LYS A 94 20.84 18.87 0.69
C LYS A 94 20.84 20.26 1.33
N PRO A 95 20.10 20.49 2.45
CA PRO A 95 19.28 19.48 3.11
C PRO A 95 17.79 19.47 2.73
N ARG A 96 17.45 19.93 1.49
CA ARG A 96 16.07 19.89 0.96
C ARG A 96 15.84 18.45 0.45
N TYR A 97 14.79 17.77 0.96
CA TYR A 97 14.36 16.42 0.52
C TYR A 97 13.14 16.60 -0.35
N PRO A 98 13.12 16.08 -1.58
CA PRO A 98 11.94 16.29 -2.42
C PRO A 98 10.69 15.57 -1.91
N PRO A 99 9.45 15.98 -2.29
CA PRO A 99 8.29 15.10 -2.10
C PRO A 99 8.49 13.73 -2.78
N ASP A 100 7.82 12.70 -2.27
CA ASP A 100 7.98 11.34 -2.82
C ASP A 100 7.62 11.32 -4.31
N SER A 101 6.58 12.05 -4.74
CA SER A 101 6.18 12.06 -6.17
C SER A 101 7.34 12.60 -7.03
N VAL A 102 8.07 13.60 -6.57
CA VAL A 102 9.19 14.18 -7.34
C VAL A 102 10.35 13.18 -7.43
N ARG A 103 10.73 12.51 -6.32
CA ARG A 103 11.80 11.52 -6.41
C ARG A 103 11.36 10.42 -7.36
N LEU A 104 10.11 10.00 -7.21
CA LEU A 104 9.54 8.93 -8.07
C LEU A 104 9.65 9.33 -9.56
N LEU A 105 9.21 10.53 -9.88
CA LEU A 105 9.25 10.93 -11.30
C LEU A 105 10.69 11.08 -11.80
N GLY A 106 11.62 11.49 -10.96
CA GLY A 106 13.04 11.50 -11.34
C GLY A 106 13.51 10.11 -11.77
N ARG A 107 13.13 9.10 -10.99
CA ARG A 107 13.49 7.70 -11.31
C ARG A 107 12.79 7.22 -12.59
N VAL A 108 11.57 7.68 -12.84
CA VAL A 108 10.90 7.34 -14.09
C VAL A 108 11.73 7.88 -15.25
N VAL A 109 12.10 9.16 -15.20
CA VAL A 109 12.85 9.84 -16.30
C VAL A 109 14.20 9.15 -16.51
N PHE A 110 14.92 8.79 -15.45
CA PHE A 110 16.23 8.11 -15.69
C PHE A 110 16.00 6.74 -16.32
N LYS A 111 15.00 5.99 -15.85
CA LYS A 111 14.69 4.62 -16.37
C LYS A 111 14.33 4.73 -17.85
N LEU A 112 13.52 5.71 -18.22
CA LEU A 112 13.10 5.80 -19.64
C LEU A 112 14.25 6.32 -20.50
N MET A 113 15.11 7.20 -19.98
CA MET A 113 16.23 7.72 -20.78
C MET A 113 17.37 6.68 -20.95
N ASP A 114 17.74 5.94 -19.88
CA ASP A 114 19.00 5.15 -19.79
C ASP A 114 18.77 3.64 -19.78
N GLY A 115 17.59 3.21 -19.36
CA GLY A 115 17.31 1.77 -19.25
C GLY A 115 16.76 1.15 -20.51
N ALA A 116 16.92 -0.17 -20.59
CA ALA A 116 16.26 -1.01 -21.59
C ALA A 116 14.75 -0.95 -21.38
N PRO A 117 13.97 -1.29 -22.40
CA PRO A 117 12.52 -1.27 -22.22
C PRO A 117 12.12 -2.14 -21.02
N SER A 118 11.30 -1.57 -20.16
CA SER A 118 10.96 -2.17 -18.85
C SER A 118 9.87 -3.25 -19.04
N GLU A 119 10.11 -4.41 -18.48
CA GLU A 119 9.07 -5.46 -18.43
C GLU A 119 7.79 -4.92 -17.78
N SER A 120 7.86 -3.93 -16.87
CA SER A 120 6.66 -3.35 -16.17
C SER A 120 5.67 -2.71 -17.16
N GLU A 121 6.15 -2.44 -18.39
CA GLU A 121 5.33 -1.72 -19.38
C GLU A 121 4.82 -2.66 -20.48
N LYS A 122 4.79 -3.97 -20.22
CA LYS A 122 4.40 -4.94 -21.26
C LYS A 122 3.01 -4.67 -21.79
N LEU A 123 2.03 -4.43 -20.91
CA LEU A 123 0.59 -4.32 -21.31
C LEU A 123 0.22 -2.86 -21.57
N TYR A 124 0.98 -1.93 -21.01
CA TYR A 124 0.64 -0.51 -20.93
C TYR A 124 1.85 0.22 -20.40
N SER A 125 2.18 1.36 -21.02
CA SER A 125 3.41 2.12 -20.70
C SER A 125 3.09 3.39 -19.94
N PHE A 126 4.14 4.00 -19.37
CA PHE A 126 4.04 5.33 -18.75
C PHE A 126 3.41 6.30 -19.73
N TYR A 127 3.85 6.23 -21.01
CA TYR A 127 3.32 7.13 -22.05
C TYR A 127 1.80 7.02 -22.17
N ASP A 128 1.27 5.78 -22.06
CA ASP A 128 -0.15 5.46 -22.19
C ASP A 128 -0.98 5.84 -20.96
N LEU A 129 -0.37 6.10 -19.78
CA LEU A 129 -1.19 6.22 -18.58
C LEU A 129 -2.22 7.33 -18.68
N GLU A 130 -3.34 7.13 -18.01
CA GLU A 130 -4.41 8.13 -17.80
C GLU A 130 -3.83 9.32 -17.00
N SER A 131 -4.10 10.54 -17.45
CA SER A 131 -3.72 11.80 -16.75
C SER A 131 -4.96 12.54 -16.21
N ASN A 132 -6.13 12.29 -16.76
CA ASN A 132 -7.35 13.05 -16.39
C ASN A 132 -7.14 14.55 -16.51
N ILE A 133 -6.36 15.01 -17.50
CA ILE A 133 -6.02 16.47 -17.58
C ILE A 133 -7.30 17.29 -17.78
N ASN A 134 -8.29 16.77 -18.49
CA ASN A 134 -9.53 17.56 -18.78
C ASN A 134 -10.51 17.56 -17.61
N LYS A 135 -10.19 16.86 -16.52
CA LYS A 135 -11.04 16.94 -15.32
C LYS A 135 -10.33 17.62 -14.15
N LEU A 136 -9.06 17.96 -14.30
CA LEU A 136 -8.33 18.57 -13.17
C LEU A 136 -8.97 19.91 -12.82
N THR A 137 -9.21 20.13 -11.54
CA THR A 137 -9.68 21.45 -11.04
C THR A 137 -8.52 22.47 -11.10
N GLU A 138 -8.84 23.75 -11.08
CA GLU A 138 -7.81 24.80 -11.08
C GLU A 138 -6.91 24.67 -9.84
N ASP A 139 -7.48 24.22 -8.73
CA ASP A 139 -6.71 24.04 -7.49
C ASP A 139 -5.67 22.92 -7.76
N ARG A 140 -6.13 21.78 -8.30
CA ARG A 140 -5.18 20.69 -8.61
C ARG A 140 -4.09 21.16 -9.57
N LYS A 141 -4.48 21.91 -10.60
CA LYS A 141 -3.50 22.34 -11.62
C LYS A 141 -2.42 23.22 -10.98
N GLU A 142 -2.81 24.10 -10.05
CA GLU A 142 -1.84 24.91 -9.29
C GLU A 142 -0.88 24.00 -8.51
N GLY A 143 -1.40 22.95 -7.88
CA GLY A 143 -0.52 22.05 -7.13
C GLY A 143 0.43 21.26 -8.02
N LEU A 144 -0.01 20.91 -9.25
CA LEU A 144 0.83 20.24 -10.23
C LEU A 144 1.89 21.19 -10.73
N ARG A 145 1.54 22.47 -10.89
CA ARG A 145 2.53 23.46 -11.34
C ARG A 145 3.68 23.54 -10.32
N GLN A 146 3.37 23.52 -9.04
CA GLN A 146 4.37 23.58 -7.98
C GLN A 146 5.20 22.31 -8.00
N LEU A 147 4.60 21.15 -8.20
CA LEU A 147 5.41 19.91 -8.36
C LEU A 147 6.40 20.03 -9.53
N VAL A 148 5.94 20.53 -10.66
CA VAL A 148 6.81 20.70 -11.85
C VAL A 148 8.02 21.57 -11.46
N MET A 149 7.79 22.68 -10.79
CA MET A 149 8.89 23.62 -10.42
C MET A 149 9.78 22.95 -9.37
N THR A 150 9.22 22.08 -8.55
CA THR A 150 10.02 21.35 -7.54
C THR A 150 10.93 20.37 -8.31
N PHE A 151 10.38 19.65 -9.26
CA PHE A 151 11.14 18.66 -10.06
C PHE A 151 12.26 19.39 -10.78
N GLN A 152 11.95 20.55 -11.38
CA GLN A 152 12.99 21.29 -12.15
C GLN A 152 14.17 21.68 -11.21
N HIS A 153 13.87 22.11 -10.00
CA HIS A 153 14.82 22.51 -8.97
C HIS A 153 15.66 21.30 -8.53
N PHE A 154 15.00 20.25 -8.11
CA PHE A 154 15.63 18.98 -7.62
CA PHE A 154 15.74 19.09 -7.57
C PHE A 154 16.62 18.46 -8.66
N MET A 155 16.18 18.39 -9.91
CA MET A 155 16.81 17.60 -10.99
C MET A 155 17.85 18.39 -11.82
N ARG A 156 18.08 19.68 -11.50
CA ARG A 156 18.83 20.67 -12.33
C ARG A 156 20.26 20.17 -12.62
N GLU A 157 20.90 19.42 -11.70
CA GLU A 157 22.25 18.83 -11.94
C GLU A 157 22.26 17.85 -13.13
N GLU A 158 21.15 17.16 -13.38
CA GLU A 158 21.07 16.01 -14.32
C GLU A 158 20.17 16.35 -15.51
N ILE A 159 19.18 17.22 -15.31
CA ILE A 159 18.16 17.52 -16.33
C ILE A 159 18.04 19.05 -16.40
N GLN A 160 18.57 19.64 -17.45
CA GLN A 160 18.53 21.12 -17.67
C GLN A 160 17.47 21.46 -18.72
N ASP A 161 17.11 20.56 -19.65
CA ASP A 161 16.14 20.91 -20.71
C ASP A 161 15.50 19.65 -21.30
N ALA A 162 14.69 19.87 -22.35
CA ALA A 162 13.82 18.87 -22.97
C ALA A 162 14.68 17.76 -23.60
N SER A 163 15.96 18.05 -23.93
CA SER A 163 16.86 17.06 -24.60
C SER A 163 17.10 15.88 -23.65
N GLN A 164 16.97 16.11 -22.34
CA GLN A 164 17.29 15.09 -21.31
C GLN A 164 16.00 14.45 -20.77
N LEU A 165 14.84 14.79 -21.33
CA LEU A 165 13.54 14.12 -21.08
C LEU A 165 13.22 13.27 -22.33
N PRO A 166 12.39 12.23 -22.22
CA PRO A 166 11.90 11.53 -23.42
C PRO A 166 11.27 12.45 -24.46
N PRO A 167 11.14 12.01 -25.72
CA PRO A 167 10.53 12.85 -26.74
C PRO A 167 9.12 13.36 -26.34
N ALA A 168 8.92 14.67 -26.44
CA ALA A 168 7.64 15.36 -26.18
C ALA A 168 7.09 15.06 -24.76
N PHE A 169 7.98 14.68 -23.83
CA PHE A 169 7.66 14.48 -22.39
C PHE A 169 7.21 15.82 -21.80
N ASP A 170 6.09 15.81 -21.14
CA ASP A 170 5.53 17.02 -20.52
CA ASP A 170 5.44 17.01 -20.54
C ASP A 170 5.43 16.74 -19.03
N LEU A 171 6.18 17.49 -18.24
CA LEU A 171 6.29 17.23 -16.78
C LEU A 171 4.97 17.45 -16.09
N PHE A 172 4.18 18.46 -16.47
CA PHE A 172 2.83 18.62 -15.90
C PHE A 172 1.99 17.36 -16.12
N GLU A 173 1.88 16.89 -17.35
CA GLU A 173 1.13 15.68 -17.66
C GLU A 173 1.72 14.49 -16.87
N ALA A 174 3.02 14.42 -16.75
CA ALA A 174 3.71 13.29 -16.08
C ALA A 174 3.28 13.27 -14.60
N PHE A 175 3.24 14.41 -13.93
CA PHE A 175 2.75 14.48 -12.54
C PHE A 175 1.27 14.10 -12.47
N ALA A 176 0.46 14.53 -13.44
CA ALA A 176 -0.97 14.20 -13.46
C ALA A 176 -1.11 12.67 -13.54
N LYS A 177 -0.26 12.01 -14.33
CA LYS A 177 -0.24 10.54 -14.44
C LYS A 177 0.19 9.99 -13.06
N VAL A 178 1.19 10.54 -12.44
CA VAL A 178 1.69 9.96 -11.15
C VAL A 178 0.57 9.99 -10.11
N ILE A 179 -0.23 11.06 -10.07
CA ILE A 179 -1.27 11.24 -9.02
C ILE A 179 -2.23 10.07 -9.07
N CYS A 180 -2.70 9.68 -10.26
CA CYS A 180 -3.81 8.74 -10.40
C CYS A 180 -3.30 7.33 -10.79
N ASN A 181 -2.00 7.09 -10.81
CA ASN A 181 -1.40 5.76 -11.10
C ASN A 181 -0.36 5.29 -10.06
N SER A 182 -0.09 6.04 -9.01
CA SER A 182 0.89 5.66 -7.99
C SER A 182 0.32 4.49 -7.17
N PHE A 183 1.12 3.45 -7.00
CA PHE A 183 0.80 2.34 -6.07
C PHE A 183 1.50 2.57 -4.74
N THR A 184 0.74 2.36 -3.68
CA THR A 184 1.33 2.37 -2.32
C THR A 184 1.89 0.98 -1.99
N ILE A 185 3.17 0.91 -1.69
CA ILE A 185 3.89 -0.38 -1.44
C ILE A 185 3.88 -0.56 0.07
N CYS A 186 3.22 -1.63 0.52
CA CYS A 186 3.31 -2.00 1.96
C CYS A 186 4.22 -3.19 2.16
N ASN A 187 4.82 -3.24 3.34
CA ASN A 187 5.70 -4.39 3.67
C ASN A 187 4.84 -5.62 4.08
N ALA A 188 5.50 -6.67 4.52
CA ALA A 188 4.76 -7.93 4.81
C ALA A 188 3.77 -7.71 5.96
N GLU A 189 4.09 -6.79 6.87
CA GLU A 189 3.22 -6.42 8.02
C GLU A 189 2.15 -5.40 7.63
N MET A 190 2.05 -5.09 6.34
CA MET A 190 1.01 -4.18 5.79
C MET A 190 1.23 -2.70 6.19
N GLN A 191 2.46 -2.35 6.54
CA GLN A 191 2.83 -0.96 6.83
C GLN A 191 3.34 -0.34 5.51
N GLU A 192 2.78 0.83 5.19
CA GLU A 192 3.27 1.61 4.03
C GLU A 192 4.79 1.85 4.17
N VAL A 193 5.55 1.54 3.13
CA VAL A 193 7.02 1.77 3.08
C VAL A 193 7.48 2.40 1.78
N GLY A 194 6.63 2.43 0.74
CA GLY A 194 7.15 2.95 -0.53
C GLY A 194 6.04 3.32 -1.49
N VAL A 195 6.44 3.90 -2.61
CA VAL A 195 5.49 4.22 -3.70
C VAL A 195 6.13 3.83 -5.02
N GLY A 196 5.33 3.25 -5.90
CA GLY A 196 5.87 2.82 -7.19
C GLY A 196 4.88 2.98 -8.34
N LEU A 197 5.44 2.99 -9.54
CA LEU A 197 4.63 2.94 -10.77
C LEU A 197 4.79 1.56 -11.38
N TYR A 198 3.66 0.98 -11.77
CA TYR A 198 3.53 -0.37 -12.33
C TYR A 198 2.65 -0.24 -13.55
N PRO A 199 3.16 0.21 -14.72
CA PRO A 199 2.22 0.68 -15.72
C PRO A 199 1.20 -0.38 -16.23
N SER A 200 1.65 -1.62 -16.45
CA SER A 200 0.74 -2.71 -16.86
C SER A 200 -0.42 -2.87 -15.87
N ILE A 201 -0.11 -2.83 -14.56
CA ILE A 201 -1.07 -3.06 -13.46
C ILE A 201 -2.01 -1.85 -13.36
N SER A 202 -1.56 -0.68 -13.87
CA SER A 202 -2.34 0.56 -13.80
C SER A 202 -3.56 0.49 -14.71
N LEU A 203 -3.66 -0.52 -15.56
CA LEU A 203 -4.90 -0.75 -16.33
C LEU A 203 -6.10 -1.04 -15.42
N LEU A 204 -5.85 -1.52 -14.20
CA LEU A 204 -7.00 -1.97 -13.35
C LEU A 204 -7.81 -0.78 -12.88
N ASN A 205 -9.09 -0.82 -13.19
CA ASN A 205 -10.06 0.10 -12.62
C ASN A 205 -10.47 -0.29 -11.19
N HIS A 206 -11.03 0.65 -10.51
CA HIS A 206 -11.42 0.58 -9.07
C HIS A 206 -12.81 -0.01 -8.90
N SER A 207 -13.03 -0.77 -7.84
CA SER A 207 -14.34 -1.18 -7.32
C SER A 207 -14.24 -1.11 -5.80
N CYS A 208 -15.32 -0.70 -5.18
CA CYS A 208 -15.49 -0.70 -3.73
C CYS A 208 -15.81 -2.14 -3.26
N ASP A 209 -15.98 -3.07 -4.20
CA ASP A 209 -16.19 -4.51 -3.87
C ASP A 209 -15.53 -5.32 -4.99
N PRO A 210 -14.18 -5.33 -5.00
CA PRO A 210 -13.43 -5.81 -6.15
C PRO A 210 -13.37 -7.33 -6.30
N ASN A 211 -12.95 -7.77 -7.49
CA ASN A 211 -12.77 -9.20 -7.81
C ASN A 211 -11.30 -9.62 -7.78
N CYS A 212 -10.36 -8.70 -7.62
CA CYS A 212 -8.93 -9.00 -7.51
C CYS A 212 -8.32 -8.22 -6.33
N SER A 213 -7.09 -8.61 -6.01
CA SER A 213 -6.27 -7.93 -5.00
CA SER A 213 -6.25 -8.03 -4.94
C SER A 213 -4.83 -7.83 -5.46
N ILE A 214 -4.17 -6.82 -4.96
CA ILE A 214 -2.72 -6.72 -5.10
C ILE A 214 -2.06 -6.90 -3.72
N VAL A 215 -0.92 -7.55 -3.74
CA VAL A 215 0.01 -7.62 -2.57
C VAL A 215 1.41 -7.35 -3.07
N PHE A 216 2.27 -6.93 -2.13
CA PHE A 216 3.67 -6.60 -2.39
C PHE A 216 4.54 -7.53 -1.55
N ASN A 217 5.58 -8.00 -2.21
CA ASN A 217 6.71 -8.73 -1.61
C ASN A 217 7.95 -7.88 -1.94
N GLY A 218 8.35 -7.03 -1.02
CA GLY A 218 9.30 -5.96 -1.29
C GLY A 218 8.68 -5.14 -2.41
N PRO A 219 9.47 -4.73 -3.43
CA PRO A 219 8.91 -3.92 -4.51
C PRO A 219 8.08 -4.72 -5.52
N HIS A 220 8.08 -6.05 -5.40
CA HIS A 220 7.41 -6.92 -6.37
C HIS A 220 5.89 -7.00 -6.09
N LEU A 221 5.08 -6.84 -7.13
CA LEU A 221 3.61 -6.78 -7.03
C LEU A 221 3.03 -8.05 -7.63
N LEU A 222 2.15 -8.69 -6.87
CA LEU A 222 1.39 -9.87 -7.30
C LEU A 222 -0.08 -9.49 -7.38
N LEU A 223 -0.69 -9.73 -8.53
CA LEU A 223 -2.16 -9.51 -8.77
C LEU A 223 -2.84 -10.87 -8.78
N ARG A 224 -3.80 -11.05 -7.89
CA ARG A 224 -4.48 -12.34 -7.81
C ARG A 224 -5.99 -12.11 -7.91
N ALA A 225 -6.73 -13.11 -8.43
CA ALA A 225 -8.20 -13.16 -8.36
C ALA A 225 -8.60 -13.45 -6.90
N VAL A 226 -9.64 -12.80 -6.40
CA VAL A 226 -10.15 -13.09 -5.03
C VAL A 226 -11.61 -13.56 -5.07
N ARG A 227 -12.18 -13.66 -6.28
CA ARG A 227 -13.51 -14.21 -6.61
C ARG A 227 -13.41 -15.01 -7.91
N ASP A 228 -14.43 -15.77 -8.24
CA ASP A 228 -14.60 -16.34 -9.60
C ASP A 228 -14.78 -15.18 -10.57
N ILE A 229 -14.11 -15.30 -11.72
CA ILE A 229 -14.24 -14.24 -12.75
C ILE A 229 -14.46 -14.97 -14.07
N GLU A 230 -15.44 -14.48 -14.82
CA GLU A 230 -15.84 -15.01 -16.14
C GLU A 230 -14.94 -14.43 -17.25
N VAL A 231 -14.88 -15.15 -18.35
CA VAL A 231 -14.24 -14.68 -19.61
C VAL A 231 -14.88 -13.34 -19.95
N GLY A 232 -14.04 -12.37 -20.24
CA GLY A 232 -14.49 -11.04 -20.65
C GLY A 232 -14.86 -10.14 -19.50
N GLU A 233 -15.00 -10.66 -18.29
CA GLU A 233 -15.36 -9.83 -17.13
C GLU A 233 -14.18 -8.89 -16.76
N GLU A 234 -14.49 -7.65 -16.44
CA GLU A 234 -13.44 -6.70 -16.07
C GLU A 234 -12.84 -7.04 -14.69
N LEU A 235 -11.54 -6.92 -14.65
CA LEU A 235 -10.79 -7.07 -13.38
C LEU A 235 -10.79 -5.73 -12.65
N THR A 236 -10.97 -5.79 -11.33
CA THR A 236 -11.02 -4.60 -10.48
C THR A 236 -10.24 -4.82 -9.19
N ILE A 237 -9.65 -3.76 -8.70
CA ILE A 237 -9.12 -3.74 -7.32
C ILE A 237 -9.74 -2.59 -6.59
N CYS A 238 -9.69 -2.61 -5.28
CA CYS A 238 -10.12 -1.45 -4.50
C CYS A 238 -8.92 -0.51 -4.33
N TYR A 239 -9.00 0.71 -4.85
CA TYR A 239 -7.84 1.63 -4.75
C TYR A 239 -7.60 2.09 -3.30
N LEU A 240 -8.62 1.96 -2.44
CA LEU A 240 -8.68 2.65 -1.12
C LEU A 240 -8.62 1.66 0.05
N ASP A 241 -8.11 2.15 1.12
CA ASP A 241 -8.39 1.66 2.49
C ASP A 241 -9.85 1.23 2.57
N MET A 242 -10.12 0.05 3.14
CA MET A 242 -11.51 -0.42 3.34
C MET A 242 -12.21 0.30 4.48
N LEU A 243 -11.45 0.87 5.39
CA LEU A 243 -12.06 1.49 6.58
C LEU A 243 -12.33 2.98 6.29
N MET A 244 -13.29 3.18 5.37
CA MET A 244 -13.68 4.52 4.87
C MET A 244 -15.19 4.46 4.61
N THR A 245 -15.88 5.56 4.91
CA THR A 245 -17.30 5.71 4.51
C THR A 245 -17.42 6.06 3.02
N SER A 246 -18.63 5.89 2.52
CA SER A 246 -18.95 6.24 1.12
C SER A 246 -18.66 7.75 0.90
N GLU A 247 -18.86 8.63 1.87
CA GLU A 247 -18.51 10.06 1.69
C GLU A 247 -17.00 10.20 1.57
N GLU A 248 -16.23 9.56 2.45
CA GLU A 248 -14.74 9.61 2.37
C GLU A 248 -14.26 9.03 1.05
N ARG A 249 -14.84 7.93 0.59
CA ARG A 249 -14.46 7.35 -0.71
C ARG A 249 -14.78 8.35 -1.84
N ARG A 250 -15.94 8.99 -1.76
CA ARG A 250 -16.32 9.98 -2.80
C ARG A 250 -15.28 11.09 -2.88
N LYS A 251 -14.82 11.57 -1.76
CA LYS A 251 -13.89 12.72 -1.71
C LYS A 251 -12.56 12.26 -2.36
N GLN A 252 -11.97 11.11 -1.95
CA GLN A 252 -10.68 10.67 -2.50
C GLN A 252 -10.85 10.29 -3.97
N LEU A 253 -11.91 9.60 -4.35
CA LEU A 253 -12.02 9.20 -5.77
C LEU A 253 -12.19 10.46 -6.67
N ARG A 254 -12.93 11.45 -6.21
CA ARG A 254 -12.94 12.78 -6.91
C ARG A 254 -11.56 13.41 -6.93
N ASP A 255 -11.00 13.65 -5.77
CA ASP A 255 -9.81 14.53 -5.66
C ASP A 255 -8.60 13.93 -6.36
N GLN A 256 -8.38 12.62 -6.19
CA GLN A 256 -7.18 11.92 -6.65
C GLN A 256 -7.42 11.28 -8.01
N TYR A 257 -8.62 10.74 -8.25
CA TYR A 257 -8.87 9.89 -9.44
C TYR A 257 -9.83 10.50 -10.47
N CYS A 258 -10.47 11.61 -10.12
CA CYS A 258 -11.38 12.32 -11.02
C CYS A 258 -12.47 11.40 -11.51
N PHE A 259 -13.13 10.65 -10.62
CA PHE A 259 -14.38 9.98 -10.99
C PHE A 259 -15.33 9.79 -9.82
N GLU A 260 -16.58 9.61 -10.22
CA GLU A 260 -17.78 9.46 -9.38
C GLU A 260 -18.10 7.95 -9.40
N CYS A 261 -18.29 7.36 -8.23
CA CYS A 261 -18.65 5.93 -8.20
C CYS A 261 -20.13 5.73 -7.92
N ASP A 262 -20.81 5.00 -8.82
CA ASP A 262 -22.26 4.71 -8.60
C ASP A 262 -22.45 3.20 -8.36
N CYS A 263 -21.45 2.52 -7.75
CA CYS A 263 -21.60 1.10 -7.40
C CYS A 263 -22.67 0.94 -6.35
N PHE A 264 -23.08 -0.31 -6.16
CA PHE A 264 -24.10 -0.62 -5.17
C PHE A 264 -23.72 -0.07 -3.79
N ARG A 265 -22.47 -0.27 -3.38
CA ARG A 265 -22.04 0.15 -2.04
C ARG A 265 -22.16 1.65 -1.87
N CYS A 266 -21.77 2.40 -2.90
CA CYS A 266 -21.86 3.89 -2.81
C CYS A 266 -23.33 4.37 -2.90
N GLN A 267 -24.11 3.75 -3.76
CA GLN A 267 -25.57 4.08 -3.86
C GLN A 267 -26.33 3.81 -2.55
N THR A 268 -25.87 2.86 -1.75
CA THR A 268 -26.62 2.39 -0.56
C THR A 268 -25.86 2.75 0.73
N GLN A 269 -24.74 3.47 0.65
CA GLN A 269 -23.94 3.82 1.88
C GLN A 269 -23.65 2.55 2.67
N ASP A 270 -23.36 1.49 1.93
CA ASP A 270 -23.16 0.13 2.49
C ASP A 270 -22.12 0.24 3.61
N LYS A 271 -22.56 -0.15 4.80
CA LYS A 271 -21.75 -0.20 6.04
C LYS A 271 -21.45 1.13 6.72
N ASP A 272 -21.84 2.26 6.15
CA ASP A 272 -21.42 3.54 6.71
C ASP A 272 -22.02 3.71 8.12
N ALA A 273 -23.25 3.26 8.36
CA ALA A 273 -23.90 3.47 9.69
C ALA A 273 -23.15 2.67 10.75
N ASP A 274 -22.81 1.43 10.45
CA ASP A 274 -22.07 0.66 11.48
C ASP A 274 -20.70 1.31 11.74
N MET A 275 -20.04 1.73 10.66
CA MET A 275 -18.70 2.32 10.74
C MET A 275 -18.66 3.57 11.64
N LEU A 276 -19.79 4.30 11.75
CA LEU A 276 -19.81 5.52 12.54
C LEU A 276 -20.70 5.39 13.78
N THR A 277 -20.77 4.18 14.33
CA THR A 277 -21.52 4.02 15.58
C THR A 277 -20.76 4.64 16.76
N GLY A 278 -21.49 4.95 17.83
CA GLY A 278 -20.94 5.67 18.97
C GLY A 278 -21.16 7.15 18.84
N ASP A 279 -20.68 7.87 19.81
CA ASP A 279 -21.00 9.30 19.99
CA ASP A 279 -20.99 9.31 19.99
C ASP A 279 -20.15 10.10 19.00
N GLU A 280 -20.81 10.89 18.19
CA GLU A 280 -20.08 11.65 17.15
C GLU A 280 -19.00 12.55 17.76
N GLN A 281 -19.26 13.24 18.85
CA GLN A 281 -18.27 14.16 19.45
C GLN A 281 -16.99 13.36 19.77
N VAL A 282 -17.16 12.14 20.24
CA VAL A 282 -15.97 11.32 20.56
C VAL A 282 -15.27 10.85 19.29
N TRP A 283 -15.99 10.29 18.31
CA TRP A 283 -15.26 9.79 17.13
C TRP A 283 -14.72 10.97 16.32
N LYS A 284 -15.38 12.13 16.35
CA LYS A 284 -14.71 13.28 15.66
C LYS A 284 -13.34 13.56 16.26
N GLU A 285 -13.20 13.59 17.60
CA GLU A 285 -11.90 13.86 18.29
C GLU A 285 -10.92 12.74 17.95
N VAL A 286 -11.38 11.49 17.94
CA VAL A 286 -10.50 10.36 17.61
C VAL A 286 -10.00 10.42 16.17
N GLN A 287 -10.89 10.71 15.23
CA GLN A 287 -10.47 10.97 13.84
C GLN A 287 -9.38 12.07 13.82
N GLU A 288 -9.53 13.14 14.58
CA GLU A 288 -8.55 14.26 14.58
C GLU A 288 -7.22 13.74 15.15
N SER A 289 -7.24 13.04 16.27
CA SER A 289 -6.05 12.44 16.93
C SER A 289 -5.38 11.46 15.98
N LEU A 290 -6.13 10.73 15.14
CA LEU A 290 -5.51 9.72 14.20
C LEU A 290 -4.60 10.42 13.17
N LYS A 291 -4.80 11.69 12.87
CA LYS A 291 -3.83 12.36 11.94
C LYS A 291 -2.43 12.25 12.54
N LYS A 292 -2.31 12.62 13.82
CA LYS A 292 -1.02 12.53 14.53
C LYS A 292 -0.62 11.06 14.74
N ILE A 293 -1.51 10.20 15.22
CA ILE A 293 -1.11 8.80 15.48
C ILE A 293 -0.55 8.18 14.20
N GLU A 294 -1.23 8.41 13.06
CA GLU A 294 -0.82 7.85 11.76
C GLU A 294 0.49 8.49 11.31
N GLU A 295 0.70 9.77 11.56
CA GLU A 295 2.01 10.40 11.23
C GLU A 295 3.12 9.75 12.09
N LEU A 296 2.87 9.56 13.36
CA LEU A 296 3.91 8.91 14.20
C LEU A 296 4.19 7.49 13.73
N LYS A 297 3.14 6.73 13.39
CA LYS A 297 3.31 5.36 12.89
C LYS A 297 4.11 5.43 11.60
N ALA A 298 3.79 6.36 10.68
CA ALA A 298 4.51 6.40 9.39
C ALA A 298 6.01 6.62 9.63
N HIS A 299 6.38 7.22 10.76
CA HIS A 299 7.79 7.48 11.14
C HIS A 299 8.30 6.39 12.11
N TRP A 300 7.51 5.33 12.27
CA TRP A 300 7.90 4.14 13.07
C TRP A 300 8.13 4.52 14.53
N LYS A 301 7.39 5.50 15.04
CA LYS A 301 7.56 6.00 16.43
C LYS A 301 6.60 5.30 17.39
N TRP A 302 6.88 4.03 17.69
CA TRP A 302 5.89 3.13 18.29
C TRP A 302 5.53 3.55 19.72
N GLU A 303 6.48 3.97 20.55
CA GLU A 303 6.18 4.34 21.97
C GLU A 303 5.21 5.52 21.99
N GLN A 304 5.41 6.47 21.06
CA GLN A 304 4.49 7.63 21.00
C GLN A 304 3.11 7.20 20.44
N VAL A 305 3.08 6.34 19.44
CA VAL A 305 1.82 5.75 18.95
C VAL A 305 1.08 5.12 20.12
N LEU A 306 1.77 4.28 20.90
CA LEU A 306 1.06 3.50 21.93
C LEU A 306 0.47 4.47 22.93
N ALA A 307 1.25 5.46 23.33
CA ALA A 307 0.80 6.37 24.41
C ALA A 307 -0.49 7.04 23.97
N MET A 308 -0.53 7.46 22.69
CA MET A 308 -1.69 8.23 22.22
C MET A 308 -2.88 7.27 22.11
N CYS A 309 -2.66 6.05 21.65
CA CYS A 309 -3.72 5.04 21.47
C CYS A 309 -4.30 4.61 22.83
N GLN A 310 -3.46 4.42 23.84
CA GLN A 310 -3.94 4.01 25.18
C GLN A 310 -4.81 5.12 25.75
N ALA A 311 -4.47 6.36 25.50
CA ALA A 311 -5.28 7.48 26.04
C ALA A 311 -6.70 7.46 25.47
N ILE A 312 -6.88 6.81 24.33
CA ILE A 312 -8.21 6.68 23.67
C ILE A 312 -8.86 5.38 24.12
N ILE A 313 -8.13 4.30 23.97
CA ILE A 313 -8.74 2.97 24.19
C ILE A 313 -9.15 2.82 25.66
N SER A 314 -8.30 3.29 26.56
CA SER A 314 -8.56 3.20 28.00
C SER A 314 -8.83 4.59 28.55
N SER A 315 -9.58 5.38 27.79
CA SER A 315 -9.90 6.77 28.21
C SER A 315 -10.70 6.78 29.50
N ASN A 316 -10.49 7.80 30.32
CA ASN A 316 -11.35 8.02 31.51
C ASN A 316 -12.71 8.51 31.00
N SER A 317 -12.73 9.10 29.82
CA SER A 317 -13.93 9.73 29.24
C SER A 317 -14.57 8.78 28.26
N GLU A 318 -15.59 9.23 27.56
CA GLU A 318 -16.48 8.33 26.82
C GLU A 318 -15.70 7.58 25.75
N ARG A 319 -16.14 6.35 25.53
CA ARG A 319 -15.43 5.42 24.60
C ARG A 319 -16.34 5.06 23.43
N LEU A 320 -15.73 4.50 22.41
CA LEU A 320 -16.36 4.07 21.14
C LEU A 320 -16.48 2.56 21.09
N PRO A 321 -17.44 2.07 20.33
CA PRO A 321 -17.49 0.64 20.00
C PRO A 321 -16.36 0.26 19.07
N ASP A 322 -15.84 -0.98 19.12
CA ASP A 322 -14.69 -1.34 18.30
C ASP A 322 -15.02 -1.47 16.81
N ILE A 323 -16.31 -1.46 16.43
CA ILE A 323 -16.71 -1.51 15.00
C ILE A 323 -16.63 -0.07 14.44
N ASN A 324 -16.56 0.94 15.28
CA ASN A 324 -16.37 2.35 14.80
C ASN A 324 -15.00 2.40 14.13
N ILE A 325 -14.94 2.84 12.85
CA ILE A 325 -13.70 2.74 12.10
C ILE A 325 -12.55 3.52 12.73
N TYR A 326 -12.80 4.66 13.38
CA TYR A 326 -11.72 5.48 13.97
C TYR A 326 -11.19 4.74 15.21
N GLN A 327 -12.11 4.19 16.01
CA GLN A 327 -11.71 3.33 17.15
C GLN A 327 -10.91 2.16 16.57
N LEU A 328 -11.36 1.56 15.49
CA LEU A 328 -10.70 0.35 14.95
C LEU A 328 -9.28 0.69 14.50
N LYS A 329 -9.10 1.82 13.83
CA LYS A 329 -7.76 2.22 13.37
C LYS A 329 -6.83 2.39 14.60
N VAL A 330 -7.38 2.93 15.69
CA VAL A 330 -6.63 3.18 16.93
C VAL A 330 -6.22 1.80 17.51
N LEU A 331 -7.16 0.85 17.53
CA LEU A 331 -6.80 -0.51 18.01
C LEU A 331 -5.68 -1.09 17.18
N ASP A 332 -5.82 -0.97 15.85
CA ASP A 332 -4.82 -1.48 14.88
CA ASP A 332 -4.80 -1.54 14.95
C ASP A 332 -3.43 -0.90 15.21
N CYS A 333 -3.35 0.41 15.34
CA CYS A 333 -2.08 1.10 15.58
C CYS A 333 -1.51 0.66 16.94
N ALA A 334 -2.38 0.50 17.94
CA ALA A 334 -1.93 0.06 19.27
C ALA A 334 -1.38 -1.36 19.21
N MET A 335 -2.07 -2.25 18.51
CA MET A 335 -1.61 -3.64 18.31
C MET A 335 -0.21 -3.62 17.69
N ASP A 336 -0.02 -2.95 16.54
CA ASP A 336 1.29 -2.93 15.87
C ASP A 336 2.36 -2.29 16.75
N ALA A 337 2.05 -1.21 17.46
CA ALA A 337 3.00 -0.59 18.38
C ALA A 337 3.44 -1.65 19.41
N CYS A 338 2.49 -2.34 20.05
CA CYS A 338 2.81 -3.36 21.09
C CYS A 338 3.62 -4.49 20.48
N ILE A 339 3.31 -4.94 19.28
CA ILE A 339 4.10 -6.04 18.65
C ILE A 339 5.55 -5.55 18.52
N ASN A 340 5.76 -4.32 18.01
CA ASN A 340 7.08 -3.77 17.72
C ASN A 340 7.85 -3.47 19.01
N LEU A 341 7.15 -3.22 20.12
CA LEU A 341 7.74 -2.94 21.47
C LEU A 341 7.87 -4.21 22.33
N GLY A 342 7.44 -5.37 21.83
CA GLY A 342 7.48 -6.64 22.56
C GLY A 342 6.47 -6.72 23.69
N LEU A 343 5.41 -5.90 23.68
CA LEU A 343 4.35 -5.95 24.70
C LEU A 343 3.27 -6.93 24.19
N LEU A 344 3.53 -8.24 24.27
CA LEU A 344 2.80 -9.25 23.44
C LEU A 344 1.44 -9.57 24.06
N GLU A 345 1.28 -9.49 25.37
CA GLU A 345 -0.03 -9.74 25.99
C GLU A 345 -0.95 -8.57 25.59
N GLU A 346 -0.44 -7.34 25.64
CA GLU A 346 -1.23 -6.13 25.34
C GLU A 346 -1.54 -6.16 23.84
N ALA A 347 -0.56 -6.51 23.03
CA ALA A 347 -0.80 -6.60 21.59
C ALA A 347 -1.97 -7.52 21.30
N LEU A 348 -1.97 -8.66 21.93
CA LEU A 348 -3.00 -9.67 21.67
C LEU A 348 -4.36 -9.12 22.09
N PHE A 349 -4.45 -8.42 23.19
CA PHE A 349 -5.70 -7.76 23.62
C PHE A 349 -6.25 -6.86 22.51
N TYR A 350 -5.42 -5.98 21.97
CA TYR A 350 -5.94 -5.09 20.92
C TYR A 350 -6.21 -5.88 19.65
N GLY A 351 -5.34 -6.78 19.28
CA GLY A 351 -5.51 -7.56 18.04
C GLY A 351 -6.78 -8.39 18.08
N THR A 352 -7.10 -9.04 19.23
CA THR A 352 -8.31 -9.90 19.27
CA THR A 352 -8.31 -9.90 19.35
C THR A 352 -9.57 -9.02 19.15
N ARG A 353 -9.56 -7.80 19.68
CA ARG A 353 -10.72 -6.90 19.58
C ARG A 353 -10.96 -6.52 18.11
N THR A 354 -9.91 -6.49 17.28
CA THR A 354 -10.11 -6.12 15.87
C THR A 354 -10.69 -7.25 15.03
N MET A 355 -10.75 -8.49 15.52
CA MET A 355 -11.04 -9.65 14.69
C MET A 355 -12.47 -9.54 14.13
N GLU A 356 -13.49 -9.27 14.94
CA GLU A 356 -14.89 -9.32 14.42
C GLU A 356 -15.06 -8.09 13.48
N PRO A 357 -14.64 -6.85 13.85
CA PRO A 357 -14.75 -5.73 12.88
C PRO A 357 -14.06 -6.06 11.56
N TYR A 358 -12.86 -6.68 11.61
CA TYR A 358 -12.11 -7.01 10.36
C TYR A 358 -12.91 -8.04 9.56
N ARG A 359 -13.62 -8.96 10.24
CA ARG A 359 -14.38 -9.96 9.47
C ARG A 359 -15.47 -9.24 8.66
N ILE A 360 -16.02 -8.21 9.26
CA ILE A 360 -17.16 -7.48 8.64
C ILE A 360 -16.63 -6.56 7.53
N PHE A 361 -15.56 -5.86 7.80
CA PHE A 361 -15.16 -4.74 6.90
C PHE A 361 -14.24 -5.21 5.80
N PHE A 362 -13.75 -6.45 5.83
CA PHE A 362 -12.88 -7.06 4.81
C PHE A 362 -13.56 -8.35 4.35
N PRO A 363 -14.71 -8.26 3.65
CA PRO A 363 -15.46 -9.44 3.28
C PRO A 363 -14.69 -10.32 2.28
N GLY A 364 -14.96 -11.62 2.31
CA GLY A 364 -14.34 -12.56 1.35
C GLY A 364 -12.90 -12.73 1.71
N SER A 365 -12.00 -12.61 0.74
CA SER A 365 -10.54 -12.76 0.89
C SER A 365 -9.89 -11.44 0.60
N HIS A 366 -9.33 -10.84 1.62
CA HIS A 366 -8.61 -9.55 1.52
C HIS A 366 -7.27 -9.69 2.25
N PRO A 367 -6.15 -9.26 1.66
CA PRO A 367 -4.83 -9.56 2.24
C PRO A 367 -4.73 -8.90 3.62
N VAL A 368 -5.33 -7.73 3.84
CA VAL A 368 -5.17 -7.02 5.13
C VAL A 368 -5.77 -7.88 6.24
N ARG A 369 -6.89 -8.52 5.96
CA ARG A 369 -7.52 -9.35 7.02
C ARG A 369 -6.69 -10.62 7.21
N GLY A 370 -6.24 -11.27 6.15
CA GLY A 370 -5.28 -12.40 6.28
C GLY A 370 -4.13 -12.10 7.20
N VAL A 371 -3.43 -11.02 6.94
CA VAL A 371 -2.23 -10.64 7.72
C VAL A 371 -2.64 -10.37 9.17
N GLN A 372 -3.77 -9.67 9.40
CA GLN A 372 -4.21 -9.30 10.78
C GLN A 372 -4.45 -10.60 11.53
N VAL A 373 -5.19 -11.52 10.90
CA VAL A 373 -5.54 -12.81 11.57
C VAL A 373 -4.24 -13.56 11.83
N MET A 374 -3.32 -13.58 10.89
CA MET A 374 -1.99 -14.24 11.13
C MET A 374 -1.31 -13.63 12.37
N LYS A 375 -1.29 -12.30 12.48
CA LYS A 375 -0.61 -11.65 13.60
C LYS A 375 -1.22 -12.12 14.93
N VAL A 376 -2.52 -12.13 15.01
CA VAL A 376 -3.24 -12.57 16.23
C VAL A 376 -2.89 -14.05 16.47
N GLY A 377 -2.99 -14.87 15.46
CA GLY A 377 -2.69 -16.30 15.68
C GLY A 377 -1.25 -16.47 16.16
N LYS A 378 -0.29 -15.74 15.61
CA LYS A 378 1.13 -15.81 16.01
C LYS A 378 1.27 -15.42 17.50
N LEU A 379 0.67 -14.33 17.94
CA LEU A 379 0.63 -13.89 19.36
C LEU A 379 0.04 -15.02 20.21
N GLN A 380 -1.04 -15.63 19.77
CA GLN A 380 -1.67 -16.74 20.55
C GLN A 380 -0.70 -17.91 20.60
N LEU A 381 -0.07 -18.24 19.47
CA LEU A 381 0.83 -19.43 19.45
C LEU A 381 1.94 -19.25 20.47
N HIS A 382 2.55 -18.10 20.51
CA HIS A 382 3.76 -17.90 21.34
C HIS A 382 3.31 -17.71 22.81
N GLN A 383 2.04 -17.42 23.08
CA GLN A 383 1.54 -17.39 24.48
C GLN A 383 1.01 -18.76 24.92
N GLY A 384 1.14 -19.79 24.10
CA GLY A 384 0.77 -21.17 24.46
C GLY A 384 -0.70 -21.46 24.33
N MET A 385 -1.44 -20.62 23.61
CA MET A 385 -2.90 -20.80 23.39
C MET A 385 -3.15 -21.64 22.13
N PHE A 386 -2.78 -22.93 22.13
CA PHE A 386 -2.65 -23.68 20.85
C PHE A 386 -3.99 -23.79 20.12
N PRO A 387 -5.10 -24.20 20.73
CA PRO A 387 -6.36 -24.33 19.97
C PRO A 387 -6.83 -23.00 19.36
N GLN A 388 -6.69 -21.92 20.12
CA GLN A 388 -7.09 -20.56 19.61
C GLN A 388 -6.14 -20.19 18.46
N ALA A 389 -4.84 -20.42 18.61
CA ALA A 389 -3.84 -20.05 17.61
C ALA A 389 -4.15 -20.84 16.34
N MET A 390 -4.36 -22.14 16.46
CA MET A 390 -4.49 -23.02 15.27
C MET A 390 -5.69 -22.53 14.44
N LYS A 391 -6.79 -22.21 15.12
CA LYS A 391 -8.04 -21.75 14.48
C LYS A 391 -7.69 -20.49 13.66
N ASN A 392 -6.98 -19.56 14.28
CA ASN A 392 -6.65 -18.27 13.63
C ASN A 392 -5.62 -18.53 12.51
N LEU A 393 -4.58 -19.32 12.74
CA LEU A 393 -3.56 -19.57 11.70
C LEU A 393 -4.22 -20.29 10.51
N ARG A 394 -5.16 -21.19 10.72
CA ARG A 394 -5.85 -21.89 9.61
C ARG A 394 -6.66 -20.89 8.79
N LEU A 395 -7.34 -19.98 9.48
CA LEU A 395 -8.22 -18.93 8.86
C LEU A 395 -7.33 -17.99 8.05
N ALA A 396 -6.21 -17.59 8.62
CA ALA A 396 -5.20 -16.76 7.93
C ALA A 396 -4.79 -17.51 6.67
N PHE A 397 -4.51 -18.81 6.79
CA PHE A 397 -4.05 -19.56 5.61
C PHE A 397 -5.15 -19.55 4.55
N ASP A 398 -6.39 -19.74 4.96
CA ASP A 398 -7.52 -19.85 4.01
C ASP A 398 -7.58 -18.53 3.23
N ILE A 399 -7.40 -17.43 3.91
CA ILE A 399 -7.38 -16.08 3.26
C ILE A 399 -6.11 -15.88 2.43
N MET A 400 -4.96 -16.08 3.06
CA MET A 400 -3.67 -15.78 2.43
C MET A 400 -3.34 -16.72 1.29
N ARG A 401 -3.82 -17.95 1.27
CA ARG A 401 -3.63 -18.83 0.10
C ARG A 401 -4.25 -18.18 -1.15
N VAL A 402 -5.33 -17.42 -0.96
CA VAL A 402 -6.00 -16.69 -2.06
C VAL A 402 -5.30 -15.35 -2.35
N THR A 403 -4.96 -14.57 -1.32
CA THR A 403 -4.49 -13.15 -1.49
C THR A 403 -3.01 -13.13 -1.76
N HIS A 404 -2.23 -14.02 -1.18
CA HIS A 404 -0.75 -13.95 -1.23
C HIS A 404 -0.25 -15.05 -2.14
N GLY A 405 -0.64 -16.29 -1.83
CA GLY A 405 -0.30 -17.42 -2.72
C GLY A 405 1.14 -17.90 -2.49
N ARG A 406 1.52 -18.97 -3.18
CA ARG A 406 2.81 -19.64 -2.86
C ARG A 406 3.99 -18.74 -3.27
N GLU A 407 3.77 -17.79 -4.17
CA GLU A 407 4.79 -16.88 -4.73
C GLU A 407 5.19 -15.79 -3.73
N HIS A 408 4.42 -15.60 -2.67
CA HIS A 408 4.72 -14.61 -1.63
C HIS A 408 5.40 -15.32 -0.45
N SER A 409 6.53 -14.80 -0.05
CA SER A 409 7.35 -15.43 1.03
C SER A 409 6.62 -15.46 2.35
N LEU A 410 5.64 -14.59 2.60
CA LEU A 410 5.00 -14.57 3.94
C LEU A 410 4.22 -15.87 4.11
N ILE A 411 3.81 -16.48 3.01
CA ILE A 411 2.99 -17.73 3.10
C ILE A 411 3.89 -18.85 3.65
N GLU A 412 5.17 -18.80 3.33
CA GLU A 412 6.16 -19.77 3.84
C GLU A 412 6.25 -19.58 5.35
N ASP A 413 6.35 -18.35 5.82
CA ASP A 413 6.36 -18.05 7.27
C ASP A 413 5.11 -18.59 7.95
N LEU A 414 3.95 -18.45 7.35
CA LEU A 414 2.68 -18.90 7.98
C LEU A 414 2.68 -20.42 8.00
N ILE A 415 3.22 -21.03 6.97
CA ILE A 415 3.24 -22.52 6.92
C ILE A 415 4.07 -23.02 8.10
N LEU A 416 5.19 -22.36 8.40
CA LEU A 416 6.02 -22.77 9.57
C LEU A 416 5.21 -22.64 10.87
N LEU A 417 4.48 -21.54 11.09
CA LEU A 417 3.61 -21.36 12.29
C LEU A 417 2.57 -22.48 12.35
N LEU A 418 1.93 -22.85 11.23
CA LEU A 418 0.91 -23.91 11.28
C LEU A 418 1.58 -25.21 11.72
N GLU A 419 2.77 -25.49 11.17
CA GLU A 419 3.52 -26.71 11.51
C GLU A 419 3.83 -26.73 13.01
N GLU A 420 4.32 -25.62 13.55
CA GLU A 420 4.71 -25.53 14.98
C GLU A 420 3.45 -25.75 15.83
N CYS A 421 2.37 -25.10 15.48
CA CYS A 421 1.08 -25.18 16.21
C CYS A 421 0.60 -26.65 16.21
N ASP A 422 0.71 -27.34 15.08
CA ASP A 422 0.15 -28.72 14.89
C ASP A 422 1.01 -29.75 15.60
N ALA A 423 2.32 -29.50 15.70
CA ALA A 423 3.25 -30.31 16.52
C ALA A 423 2.81 -30.18 17.98
N ASN A 424 2.40 -28.98 18.38
CA ASN A 424 2.02 -28.74 19.80
C ASN A 424 0.71 -29.49 20.11
N ILE A 425 -0.23 -29.53 19.18
CA ILE A 425 -1.54 -30.21 19.39
C ILE A 425 -1.31 -31.72 19.31
N ARG A 426 -0.38 -32.17 18.43
CA ARG A 426 0.07 -33.59 18.28
C ARG A 426 0.68 -34.12 19.59
N ALA A 427 1.43 -33.28 20.32
CA ALA A 427 2.11 -33.65 21.59
C ALA A 427 1.16 -33.53 22.80
N SER A 428 -0.10 -33.10 22.63
CA SER A 428 -0.96 -32.60 23.74
C SER A 428 -1.94 -33.70 24.22
#